data_3KJF
#
_entry.id   3KJF
#
_cell.length_a   96.690
_cell.length_b   68.160
_cell.length_c   44.770
_cell.angle_alpha   90.00
_cell.angle_beta   90.00
_cell.angle_gamma   90.00
#
_symmetry.space_group_name_H-M   'P 21 21 2'
#
loop_
_entity.id
_entity.type
_entity.pdbx_description
1 polymer Caspase-3
2 polymer Caspase-3
3 non-polymer '(3S)-3-({[(5S,10aS)-2-{(2S)-4-carboxy-2-[(phenylacetyl)amino]butyl}-1,3-dioxo-2,3,5,7,8,9,10,10a-octahydro-1H-[1,2,4]triazolo[1,2-a]cinnolin-5-yl]carbonyl}amino)-4-oxopentanoic acid'
4 water water
#
loop_
_entity_poly.entity_id
_entity_poly.type
_entity_poly.pdbx_seq_one_letter_code
_entity_poly.pdbx_strand_id
1 'polypeptide(L)'
;SGISLDNSYKMDYPEMGLCIIINNKNFHKSTGMTSRSGTDVDAANLRETFRNLKYEVRNKNDLTREEIVELMRDVSKEDH
SKRSSFVCVLLSHGEEGIIFGTNGPVDLKKITNFFRGDRCRSLTGKPKLFIIQACRGTELDCGIETD
;
A
2 'polypeptide(L)'
;SGVDDDMACHKIPVDADFLYAYSTAPGYYSWRNSKDGSWFIQSLCAMLKQYADKLEFMHILTRVNRKVATEFESFSFDAT
FHAKKQIPCIVSMLTKELYFYHHHHHHHH
;
B
#
# COMPACT_ATOMS: atom_id res chain seq x y z
N ASP A 6 7.15 -24.87 -5.81
CA ASP A 6 7.36 -23.46 -5.46
C ASP A 6 6.09 -22.90 -4.80
N ASN A 7 6.04 -23.00 -3.48
CA ASN A 7 4.97 -22.40 -2.69
C ASN A 7 5.29 -20.97 -2.24
N SER A 8 6.55 -20.56 -2.40
CA SER A 8 7.04 -19.24 -1.97
C SER A 8 7.70 -18.48 -3.10
N TYR A 9 7.50 -17.16 -3.13
CA TYR A 9 8.15 -16.33 -4.13
C TYR A 9 9.66 -16.38 -3.91
N LYS A 10 10.42 -16.49 -5.01
CA LYS A 10 11.87 -16.39 -4.95
C LYS A 10 12.26 -15.00 -4.47
N MET A 11 12.90 -14.92 -3.31
CA MET A 11 13.30 -13.64 -2.73
C MET A 11 14.82 -13.47 -2.59
N ASP A 12 15.60 -14.26 -3.31
CA ASP A 12 17.06 -14.17 -3.26
C ASP A 12 17.68 -13.64 -4.57
N TYR A 13 16.94 -12.78 -5.27
CA TYR A 13 17.52 -11.99 -6.36
C TYR A 13 18.51 -11.02 -5.72
N PRO A 14 19.41 -10.41 -6.52
CA PRO A 14 20.40 -9.51 -5.93
C PRO A 14 19.82 -8.34 -5.12
N GLU A 15 18.64 -7.87 -5.53
CA GLU A 15 17.97 -6.77 -4.84
C GLU A 15 16.56 -7.16 -4.45
N MET A 16 16.12 -6.75 -3.27
CA MET A 16 14.74 -6.95 -2.87
C MET A 16 13.78 -6.17 -3.76
N GLY A 17 14.23 -5.00 -4.23
CA GLY A 17 13.42 -4.13 -5.09
C GLY A 17 13.20 -2.72 -4.56
N LEU A 18 12.41 -1.95 -5.30
CA LEU A 18 12.07 -0.58 -4.96
C LEU A 18 10.92 -0.48 -3.95
N CYS A 19 11.02 0.51 -3.06
CA CYS A 19 9.90 0.93 -2.23
C CYS A 19 9.70 2.42 -2.49
N ILE A 20 8.67 2.74 -3.29
CA ILE A 20 8.33 4.10 -3.67
C ILE A 20 7.27 4.62 -2.70
N ILE A 21 7.57 5.72 -2.02
CA ILE A 21 6.66 6.32 -1.05
C ILE A 21 6.26 7.68 -1.57
N ILE A 22 4.96 7.83 -1.88
CA ILE A 22 4.42 9.12 -2.26
C ILE A 22 3.75 9.70 -1.02
N ASN A 23 4.33 10.77 -0.49
CA ASN A 23 3.89 11.39 0.76
C ASN A 23 3.26 12.75 0.48
N ASN A 24 1.93 12.77 0.42
CA ASN A 24 1.23 14.01 0.10
C ASN A 24 0.66 14.63 1.37
N LYS A 25 1.25 15.75 1.75
CA LYS A 25 0.91 16.46 2.98
C LYS A 25 0.10 17.71 2.69
N ASN A 26 0.51 18.48 1.67
CA ASN A 26 -0.04 19.81 1.39
C ASN A 26 -0.80 19.87 0.06
N PHE A 27 -2.01 20.39 0.07
CA PHE A 27 -2.88 20.36 -1.10
C PHE A 27 -3.29 21.74 -1.55
N HIS A 28 -3.37 21.92 -2.86
CA HIS A 28 -3.72 23.22 -3.45
C HIS A 28 -5.03 23.78 -2.87
N LYS A 29 -5.07 25.10 -2.68
CA LYS A 29 -6.25 25.79 -2.13
C LYS A 29 -7.54 25.43 -2.87
N SER A 30 -7.43 25.25 -4.18
CA SER A 30 -8.58 24.98 -5.05
C SER A 30 -9.31 23.66 -4.77
N THR A 31 -8.65 22.72 -4.07
CA THR A 31 -9.25 21.43 -3.73
C THR A 31 -10.03 21.45 -2.40
N GLY A 32 -9.71 22.41 -1.53
CA GLY A 32 -10.31 22.47 -0.20
C GLY A 32 -9.92 21.32 0.70
N MET A 33 -8.81 20.65 0.40
CA MET A 33 -8.33 19.53 1.19
C MET A 33 -7.39 20.08 2.25
N THR A 34 -7.59 19.65 3.50
CA THR A 34 -6.81 20.17 4.62
C THR A 34 -5.48 19.45 4.71
N SER A 35 -4.49 20.09 5.30
CA SER A 35 -3.14 19.51 5.49
C SER A 35 -3.18 18.18 6.26
N ARG A 36 -2.32 17.23 5.85
CA ARG A 36 -2.30 15.88 6.45
C ARG A 36 -1.18 15.73 7.49
N SER A 37 -1.35 16.46 8.59
CA SER A 37 -0.41 16.46 9.69
C SER A 37 -0.19 15.05 10.26
N GLY A 38 1.09 14.68 10.43
CA GLY A 38 1.47 13.36 10.89
C GLY A 38 1.93 12.45 9.76
N THR A 39 1.66 12.82 8.50
CA THR A 39 2.09 11.99 7.38
C THR A 39 3.63 11.89 7.27
N ASP A 40 4.36 12.93 7.66
CA ASP A 40 5.83 12.87 7.64
C ASP A 40 6.36 11.82 8.62
N VAL A 41 5.71 11.68 9.77
CA VAL A 41 6.05 10.63 10.74
C VAL A 41 5.87 9.24 10.06
N ASP A 42 4.76 9.06 9.33
CA ASP A 42 4.51 7.80 8.59
C ASP A 42 5.60 7.55 7.54
N ALA A 43 5.91 8.58 6.76
CA ALA A 43 6.92 8.48 5.68
C ALA A 43 8.30 8.07 6.21
N ALA A 44 8.68 8.64 7.34
CA ALA A 44 9.96 8.34 7.98
C ALA A 44 9.98 6.92 8.55
N ASN A 45 8.89 6.51 9.19
CA ASN A 45 8.75 5.15 9.73
C ASN A 45 8.91 4.12 8.61
N LEU A 46 8.19 4.36 7.52
CA LEU A 46 8.21 3.49 6.35
C LEU A 46 9.60 3.40 5.73
N ARG A 47 10.28 4.53 5.61
CA ARG A 47 11.62 4.55 5.03
CA ARG A 47 11.63 4.57 5.05
C ARG A 47 12.54 3.65 5.85
N GLU A 48 12.50 3.79 7.17
CA GLU A 48 13.35 3.01 8.06
C GLU A 48 12.99 1.53 8.08
N THR A 49 11.69 1.24 8.09
CA THR A 49 11.20 -0.13 8.14
C THR A 49 11.58 -0.87 6.87
N PHE A 50 11.32 -0.27 5.71
CA PHE A 50 11.66 -0.91 4.46
C PHE A 50 13.14 -0.93 4.11
N ARG A 51 13.90 0.03 4.65
CA ARG A 51 15.36 -0.04 4.59
C ARG A 51 15.88 -1.29 5.32
N ASN A 52 15.34 -1.58 6.51
CA ASN A 52 15.76 -2.77 7.25
C ASN A 52 15.34 -4.08 6.56
N LEU A 53 14.33 -4.03 5.68
CA LEU A 53 13.97 -5.18 4.85
C LEU A 53 14.80 -5.27 3.56
N LYS A 54 15.75 -4.36 3.41
CA LYS A 54 16.65 -4.26 2.26
C LYS A 54 16.02 -3.75 0.97
N TYR A 55 14.97 -2.94 1.09
CA TYR A 55 14.40 -2.22 -0.06
C TYR A 55 15.14 -0.93 -0.40
N GLU A 56 15.18 -0.62 -1.69
CA GLU A 56 15.65 0.65 -2.18
C GLU A 56 14.49 1.64 -2.07
N VAL A 57 14.53 2.48 -1.03
CA VAL A 57 13.44 3.40 -0.73
C VAL A 57 13.62 4.73 -1.44
N ARG A 58 12.57 5.18 -2.12
CA ARG A 58 12.53 6.47 -2.78
C ARG A 58 11.30 7.23 -2.27
N ASN A 59 11.53 8.33 -1.54
CA ASN A 59 10.45 9.14 -0.96
C ASN A 59 10.18 10.30 -1.92
N LYS A 60 8.90 10.60 -2.14
CA LYS A 60 8.49 11.78 -2.92
C LYS A 60 7.40 12.56 -2.17
N ASN A 61 7.56 13.88 -2.10
CA ASN A 61 6.62 14.72 -1.36
C ASN A 61 5.77 15.64 -2.23
N ASP A 62 4.48 15.69 -1.93
CA ASP A 62 3.57 16.70 -2.50
C ASP A 62 3.56 16.70 -4.02
N LEU A 63 3.15 15.57 -4.58
CA LEU A 63 3.12 15.38 -6.03
C LEU A 63 1.73 15.68 -6.58
N THR A 64 1.69 16.40 -7.70
CA THR A 64 0.45 16.64 -8.43
C THR A 64 -0.05 15.30 -8.97
N ARG A 65 -1.34 15.23 -9.33
CA ARG A 65 -1.87 14.02 -10.00
C ARG A 65 -1.01 13.63 -11.20
N GLU A 66 -0.51 14.62 -11.92
CA GLU A 66 0.28 14.38 -13.12
C GLU A 66 1.67 13.82 -12.78
N GLU A 67 2.29 14.34 -11.72
CA GLU A 67 3.58 13.85 -11.26
C GLU A 67 3.49 12.42 -10.74
N ILE A 68 2.38 12.07 -10.09
CA ILE A 68 2.16 10.69 -9.62
C ILE A 68 2.14 9.75 -10.82
N VAL A 69 1.35 10.11 -11.82
CA VAL A 69 1.23 9.29 -13.03
C VAL A 69 2.55 9.15 -13.78
N GLU A 70 3.27 10.26 -14.01
CA GLU A 70 4.56 10.17 -14.69
C GLU A 70 5.62 9.39 -13.88
N LEU A 71 5.63 9.54 -12.56
CA LEU A 71 6.56 8.81 -11.70
C LEU A 71 6.38 7.31 -11.81
N MET A 72 5.13 6.87 -11.73
CA MET A 72 4.84 5.45 -11.75
C MET A 72 5.06 4.87 -13.16
N ARG A 73 4.77 5.64 -14.20
CA ARG A 73 5.10 5.25 -15.56
C ARG A 73 6.62 5.03 -15.71
N ASP A 74 7.41 6.02 -15.29
CA ASP A 74 8.87 5.92 -15.40
C ASP A 74 9.42 4.73 -14.59
N VAL A 75 8.87 4.52 -13.41
CA VAL A 75 9.34 3.43 -12.54
C VAL A 75 9.02 2.06 -13.15
N SER A 76 7.84 1.96 -13.78
CA SER A 76 7.42 0.71 -14.42
C SER A 76 8.26 0.39 -15.64
N LYS A 77 8.86 1.41 -16.24
CA LYS A 77 9.72 1.23 -17.42
C LYS A 77 11.20 0.98 -17.08
N GLU A 78 11.54 0.89 -15.80
CA GLU A 78 12.89 0.48 -15.40
C GLU A 78 13.08 -1.02 -15.59
N ASP A 79 14.33 -1.43 -15.63
CA ASP A 79 14.64 -2.85 -15.70
C ASP A 79 14.69 -3.39 -14.27
N HIS A 80 13.65 -4.14 -13.90
CA HIS A 80 13.52 -4.74 -12.57
C HIS A 80 14.05 -6.18 -12.51
N SER A 81 14.80 -6.60 -13.52
CA SER A 81 15.26 -8.00 -13.65
C SER A 81 16.01 -8.54 -12.44
N LYS A 82 16.79 -7.68 -11.78
CA LYS A 82 17.57 -8.10 -10.62
C LYS A 82 16.83 -7.90 -9.29
N ARG A 83 15.55 -7.56 -9.34
CA ARG A 83 14.79 -7.28 -8.14
C ARG A 83 13.72 -8.35 -7.88
N SER A 84 13.52 -8.68 -6.60
CA SER A 84 12.59 -9.73 -6.17
C SER A 84 11.14 -9.28 -6.21
N SER A 85 10.92 -8.00 -5.98
CA SER A 85 9.58 -7.47 -5.71
C SER A 85 9.50 -5.98 -6.02
N PHE A 86 8.31 -5.42 -5.86
CA PHE A 86 8.05 -4.01 -5.99
C PHE A 86 7.05 -3.57 -4.92
N VAL A 87 7.34 -2.45 -4.26
CA VAL A 87 6.45 -1.88 -3.26
C VAL A 87 6.20 -0.42 -3.58
N CYS A 88 4.93 -0.03 -3.56
CA CYS A 88 4.51 1.37 -3.63
C CYS A 88 3.62 1.71 -2.43
N VAL A 89 3.95 2.78 -1.72
CA VAL A 89 3.14 3.26 -0.59
C VAL A 89 2.56 4.64 -0.93
N LEU A 90 1.24 4.74 -0.88
CA LEU A 90 0.52 5.97 -1.19
C LEU A 90 -0.04 6.54 0.10
N LEU A 91 0.39 7.75 0.44
CA LEU A 91 -0.09 8.47 1.63
C LEU A 91 -0.76 9.79 1.20
N SER A 92 -2.08 9.83 1.24
CA SER A 92 -2.83 11.00 0.80
C SER A 92 -4.29 10.94 1.21
N HIS A 93 -5.04 11.94 0.76
CA HIS A 93 -6.48 11.86 0.77
C HIS A 93 -6.91 10.90 -0.31
N GLY A 94 -8.10 10.32 -0.13
CA GLY A 94 -8.64 9.38 -1.09
C GLY A 94 -10.12 9.19 -0.99
N GLU A 95 -10.66 8.50 -2.00
CA GLU A 95 -12.01 7.93 -1.94
C GLU A 95 -11.93 6.59 -2.64
N GLU A 96 -13.03 5.84 -2.71
CA GLU A 96 -12.97 4.50 -3.29
C GLU A 96 -12.36 4.54 -4.70
N GLY A 97 -11.28 3.79 -4.88
CA GLY A 97 -10.63 3.66 -6.16
C GLY A 97 -9.83 4.88 -6.60
N ILE A 98 -9.65 5.85 -5.71
CA ILE A 98 -9.06 7.15 -6.07
C ILE A 98 -8.05 7.60 -5.02
N ILE A 99 -6.89 8.05 -5.48
CA ILE A 99 -5.89 8.72 -4.63
C ILE A 99 -5.73 10.17 -5.11
N PHE A 100 -5.57 11.12 -4.18
CA PHE A 100 -5.46 12.55 -4.56
C PHE A 100 -4.00 12.97 -4.77
N GLY A 101 -3.69 13.50 -5.94
CA GLY A 101 -2.54 14.37 -6.09
C GLY A 101 -2.82 15.66 -5.32
N THR A 102 -1.80 16.51 -5.19
CA THR A 102 -1.96 17.79 -4.51
C THR A 102 -3.04 18.66 -5.19
N ASN A 103 -3.20 18.50 -6.49
CA ASN A 103 -4.13 19.30 -7.30
C ASN A 103 -5.38 18.55 -7.78
N GLY A 104 -5.61 17.32 -7.26
CA GLY A 104 -6.84 16.60 -7.57
C GLY A 104 -6.71 15.08 -7.68
N PRO A 105 -7.85 14.41 -7.89
CA PRO A 105 -7.97 12.95 -7.87
C PRO A 105 -7.26 12.24 -9.02
N VAL A 106 -6.68 11.07 -8.73
CA VAL A 106 -6.23 10.14 -9.75
C VAL A 106 -6.83 8.77 -9.47
N ASP A 107 -7.20 8.10 -10.54
CA ASP A 107 -7.76 6.76 -10.49
C ASP A 107 -6.61 5.79 -10.14
N LEU A 108 -6.74 5.02 -9.05
CA LEU A 108 -5.71 4.04 -8.69
C LEU A 108 -5.36 3.04 -9.80
N LYS A 109 -6.37 2.69 -10.59
CA LYS A 109 -6.19 1.76 -11.71
C LYS A 109 -5.18 2.27 -12.71
N LYS A 110 -5.08 3.59 -12.87
CA LYS A 110 -4.13 4.16 -13.83
C LYS A 110 -2.70 3.89 -13.35
N ILE A 111 -2.51 4.02 -12.04
CA ILE A 111 -1.24 3.76 -11.39
C ILE A 111 -0.83 2.29 -11.49
N THR A 112 -1.75 1.40 -11.10
CA THR A 112 -1.45 -0.02 -10.99
C THR A 112 -1.31 -0.71 -12.35
N ASN A 113 -2.03 -0.24 -13.36
CA ASN A 113 -1.99 -0.83 -14.70
C ASN A 113 -0.61 -0.85 -15.34
N PHE A 114 0.23 0.13 -15.02
CA PHE A 114 1.62 0.16 -15.50
C PHE A 114 2.38 -1.12 -15.11
N PHE A 115 2.01 -1.73 -13.99
CA PHE A 115 2.73 -2.88 -13.45
C PHE A 115 2.12 -4.25 -13.79
N ARG A 116 1.03 -4.25 -14.56
CA ARG A 116 0.42 -5.49 -15.05
C ARG A 116 1.46 -6.43 -15.63
N GLY A 117 1.15 -7.72 -15.55
CA GLY A 117 2.05 -8.78 -16.01
C GLY A 117 2.52 -8.63 -17.45
N ASP A 118 1.67 -8.04 -18.29
CA ASP A 118 2.01 -7.86 -19.71
C ASP A 118 2.67 -6.50 -20.01
N ARG A 119 2.68 -5.58 -19.04
CA ARG A 119 3.18 -4.22 -19.27
C ARG A 119 4.48 -3.89 -18.54
N CYS A 120 4.78 -4.64 -17.47
CA CYS A 120 6.08 -4.58 -16.83
C CYS A 120 6.68 -5.99 -16.76
N ARG A 121 7.32 -6.40 -17.86
CA ARG A 121 7.78 -7.77 -18.01
C ARG A 121 8.87 -8.18 -17.02
N SER A 122 9.69 -7.25 -16.57
CA SER A 122 10.72 -7.56 -15.58
C SER A 122 10.18 -7.71 -14.16
N LEU A 123 8.89 -7.47 -13.97
CA LEU A 123 8.20 -7.80 -12.71
C LEU A 123 7.12 -8.92 -12.88
N THR A 124 7.00 -9.50 -14.07
CA THR A 124 6.09 -10.64 -14.27
C THR A 124 6.51 -11.78 -13.34
N GLY A 125 5.55 -12.35 -12.62
CA GLY A 125 5.85 -13.46 -11.71
C GLY A 125 6.31 -13.02 -10.33
N LYS A 126 6.45 -11.71 -10.13
CA LYS A 126 6.98 -11.15 -8.88
C LYS A 126 5.93 -10.35 -8.15
N PRO A 127 5.98 -10.37 -6.80
CA PRO A 127 4.96 -9.66 -6.01
C PRO A 127 5.08 -8.14 -6.09
N LYS A 128 3.93 -7.54 -6.40
CA LYS A 128 3.75 -6.12 -6.56
C LYS A 128 2.79 -5.67 -5.46
N LEU A 129 3.31 -4.90 -4.50
CA LEU A 129 2.58 -4.57 -3.28
C LEU A 129 2.22 -3.09 -3.29
N PHE A 130 0.92 -2.80 -3.18
CA PHE A 130 0.43 -1.43 -3.05
C PHE A 130 -0.21 -1.22 -1.68
N ILE A 131 0.42 -0.34 -0.93
CA ILE A 131 0.08 -0.07 0.45
C ILE A 131 -0.51 1.34 0.44
N ILE A 132 -1.78 1.45 0.86
CA ILE A 132 -2.57 2.67 0.66
C ILE A 132 -3.16 3.19 1.98
N GLN A 133 -2.68 4.34 2.40
CA GLN A 133 -3.26 5.06 3.53
C GLN A 133 -4.03 6.23 2.93
N ALA A 134 -5.35 6.08 2.90
CA ALA A 134 -6.25 7.06 2.33
C ALA A 134 -7.65 6.58 2.66
N CYS A 135 -8.62 7.50 2.68
CA CYS A 135 -10.03 7.14 2.83
C CYS A 135 -10.50 6.37 1.59
N ARG A 136 -11.58 5.60 1.76
CA ARG A 136 -12.21 4.88 0.64
C ARG A 136 -13.70 5.20 0.56
N GLY A 137 -14.06 6.38 1.09
CA GLY A 137 -15.44 6.84 1.11
C GLY A 137 -15.67 7.62 2.39
N THR A 138 -16.93 7.76 2.77
CA THR A 138 -17.30 8.61 3.90
C THR A 138 -18.18 7.89 4.92
N GLU A 139 -18.18 6.55 4.90
CA GLU A 139 -18.89 5.79 5.93
C GLU A 139 -18.12 5.85 7.26
N LEU A 140 -18.88 5.72 8.35
CA LEU A 140 -18.36 5.83 9.71
C LEU A 140 -18.63 4.55 10.52
N ASP A 141 -17.57 3.92 11.03
CA ASP A 141 -17.67 2.70 11.86
C ASP A 141 -17.73 3.10 13.34
N CYS A 142 -18.90 2.96 13.95
CA CYS A 142 -19.08 3.26 15.39
C CYS A 142 -18.63 2.09 16.27
N GLY A 143 -18.35 0.94 15.64
CA GLY A 143 -17.93 -0.25 16.36
C GLY A 143 -19.02 -0.90 17.19
N ILE A 144 -18.62 -1.95 17.92
CA ILE A 144 -19.52 -2.68 18.83
C ILE A 144 -18.71 -3.18 20.02
N GLU A 145 -19.36 -3.25 21.18
CA GLU A 145 -18.83 -3.86 22.41
C GLU A 145 -18.46 -2.79 23.42
N SER B 1 -11.80 -29.46 -16.84
CA SER B 1 -10.70 -30.17 -17.48
C SER B 1 -10.97 -30.44 -18.97
N GLY B 2 -9.98 -31.01 -19.65
CA GLY B 2 -10.08 -31.23 -21.10
C GLY B 2 -9.69 -29.96 -21.83
N VAL B 3 -10.69 -29.24 -22.32
CA VAL B 3 -10.46 -28.04 -23.13
C VAL B 3 -9.79 -26.89 -22.39
N ASP B 4 -9.99 -26.80 -21.07
CA ASP B 4 -9.53 -25.65 -20.30
C ASP B 4 -8.31 -25.90 -19.39
N ASP B 5 -7.58 -27.00 -19.61
CA ASP B 5 -6.36 -27.24 -18.82
C ASP B 5 -5.27 -28.08 -19.50
N ASP B 6 -4.12 -28.19 -18.83
CA ASP B 6 -2.92 -28.82 -19.37
C ASP B 6 -2.55 -28.13 -20.68
N MET B 7 -2.44 -26.81 -20.60
CA MET B 7 -2.08 -25.94 -21.71
C MET B 7 -0.68 -26.23 -22.20
N ALA B 8 -0.51 -26.35 -23.52
CA ALA B 8 0.82 -26.49 -24.13
C ALA B 8 1.72 -25.31 -23.79
N CYS B 9 1.18 -24.10 -23.95
CA CYS B 9 1.90 -22.87 -23.65
C CYS B 9 1.25 -22.22 -22.42
N HIS B 10 2.08 -21.94 -21.41
CA HIS B 10 1.59 -21.39 -20.14
C HIS B 10 1.52 -19.87 -20.20
N LYS B 11 0.41 -19.33 -19.71
CA LYS B 11 0.22 -17.89 -19.52
C LYS B 11 -0.21 -17.67 -18.08
N ILE B 12 -0.01 -16.45 -17.57
CA ILE B 12 -0.61 -16.07 -16.28
C ILE B 12 -1.46 -14.81 -16.47
N PRO B 13 -2.46 -14.61 -15.58
CA PRO B 13 -3.27 -13.39 -15.67
C PRO B 13 -2.46 -12.12 -15.45
N VAL B 14 -2.87 -11.04 -16.12
CA VAL B 14 -2.18 -9.77 -16.08
C VAL B 14 -2.36 -9.06 -14.73
N ASP B 15 -3.39 -9.44 -13.96
CA ASP B 15 -3.58 -8.91 -12.61
C ASP B 15 -3.02 -9.84 -11.53
N ALA B 16 -2.43 -10.97 -11.90
CA ALA B 16 -1.81 -11.85 -10.91
C ALA B 16 -0.60 -11.20 -10.23
N ASP B 17 -0.38 -11.60 -8.99
CA ASP B 17 0.79 -11.23 -8.20
C ASP B 17 0.77 -9.78 -7.70
N PHE B 18 -0.44 -9.23 -7.55
CA PHE B 18 -0.68 -7.93 -6.93
C PHE B 18 -1.22 -8.14 -5.54
N LEU B 19 -0.76 -7.32 -4.61
CA LEU B 19 -1.42 -7.27 -3.31
C LEU B 19 -1.68 -5.80 -2.99
N TYR B 20 -2.89 -5.55 -2.51
CA TYR B 20 -3.28 -4.24 -2.03
C TYR B 20 -3.50 -4.29 -0.53
N ALA B 21 -2.74 -3.51 0.21
CA ALA B 21 -2.92 -3.42 1.64
C ALA B 21 -3.62 -2.08 1.88
N TYR B 22 -4.94 -2.12 2.02
CA TYR B 22 -5.72 -0.92 2.25
C TYR B 22 -5.82 -0.66 3.74
N SER B 23 -5.77 0.63 4.11
CA SER B 23 -5.86 1.02 5.52
C SER B 23 -7.22 0.79 6.13
N THR B 24 -8.26 0.71 5.31
CA THR B 24 -9.64 0.71 5.80
C THR B 24 -10.55 -0.11 4.89
N ALA B 25 -11.73 -0.44 5.39
CA ALA B 25 -12.73 -1.20 4.65
C ALA B 25 -13.27 -0.39 3.46
N PRO B 26 -13.83 -1.08 2.44
CA PRO B 26 -14.42 -0.37 1.31
C PRO B 26 -15.53 0.60 1.75
N GLY B 27 -15.50 1.82 1.21
CA GLY B 27 -16.54 2.83 1.51
C GLY B 27 -16.29 3.69 2.75
N TYR B 28 -15.25 3.35 3.53
CA TYR B 28 -15.05 3.98 4.84
C TYR B 28 -13.96 5.05 4.92
N TYR B 29 -14.13 5.98 5.87
CA TYR B 29 -13.05 6.86 6.29
C TYR B 29 -11.87 6.05 6.83
N SER B 30 -10.68 6.65 6.76
CA SER B 30 -9.48 6.14 7.39
C SER B 30 -8.90 7.26 8.26
N TRP B 31 -8.29 6.87 9.40
CA TRP B 31 -7.96 7.81 10.47
C TRP B 31 -6.45 8.02 10.70
N ARG B 32 -6.12 9.25 11.08
CA ARG B 32 -4.74 9.67 11.25
C ARG B 32 -4.61 10.57 12.49
N ASN B 33 -3.63 10.26 13.33
CA ASN B 33 -3.24 11.07 14.46
C ASN B 33 -2.21 12.10 13.99
N SER B 34 -2.42 13.38 14.32
CA SER B 34 -1.56 14.47 13.82
C SER B 34 -0.12 14.38 14.30
N LYS B 35 0.13 13.68 15.41
CA LYS B 35 1.45 13.61 16.01
C LYS B 35 2.16 12.28 15.80
N ASP B 36 1.40 11.17 15.83
CA ASP B 36 1.96 9.82 15.77
C ASP B 36 1.88 9.16 14.40
N GLY B 37 1.13 9.78 13.47
CA GLY B 37 0.90 9.26 12.13
C GLY B 37 -0.43 8.52 12.02
N SER B 38 -0.67 7.87 10.89
CA SER B 38 -1.90 7.09 10.71
C SER B 38 -1.86 5.82 11.55
N TRP B 39 -3.02 5.34 11.97
CA TRP B 39 -3.11 4.08 12.70
C TRP B 39 -2.47 2.92 11.91
N PHE B 40 -2.83 2.86 10.65
CA PHE B 40 -2.46 1.76 9.72
C PHE B 40 -0.97 1.67 9.50
N ILE B 41 -0.35 2.79 9.15
CA ILE B 41 1.09 2.80 8.87
C ILE B 41 1.89 2.57 10.15
N GLN B 42 1.47 3.17 11.27
CA GLN B 42 2.09 2.86 12.58
C GLN B 42 2.08 1.36 12.86
N SER B 43 0.92 0.74 12.69
CA SER B 43 0.74 -0.66 13.02
C SER B 43 1.49 -1.56 12.03
N LEU B 44 1.41 -1.22 10.75
CA LEU B 44 2.14 -1.94 9.69
C LEU B 44 3.63 -1.98 9.96
N CYS B 45 4.23 -0.82 10.24
CA CYS B 45 5.65 -0.77 10.52
C CYS B 45 6.02 -1.53 11.77
N ALA B 46 5.23 -1.38 12.83
CA ALA B 46 5.52 -2.12 14.07
C ALA B 46 5.43 -3.65 13.86
N MET B 47 4.43 -4.13 13.11
CA MET B 47 4.32 -5.58 12.84
C MET B 47 5.41 -6.09 11.90
N LEU B 48 5.84 -5.28 10.94
CA LEU B 48 6.96 -5.69 10.07
C LEU B 48 8.25 -5.83 10.91
N LYS B 49 8.52 -4.83 11.76
CA LYS B 49 9.66 -4.87 12.65
C LYS B 49 9.68 -6.13 13.51
N GLN B 50 8.54 -6.47 14.10
CA GLN B 50 8.46 -7.59 15.03
C GLN B 50 8.44 -8.96 14.34
N TYR B 51 7.80 -9.06 13.17
CA TYR B 51 7.52 -10.37 12.57
C TYR B 51 8.11 -10.68 11.19
N ALA B 52 8.76 -9.70 10.55
CA ALA B 52 9.27 -9.92 9.19
C ALA B 52 10.29 -11.05 9.10
N ASP B 53 10.99 -11.34 10.20
CA ASP B 53 11.90 -12.48 10.21
C ASP B 53 11.24 -13.79 10.65
N LYS B 54 9.92 -13.77 10.91
CA LYS B 54 9.25 -14.94 11.54
C LYS B 54 7.98 -15.43 10.82
N LEU B 55 7.19 -14.53 10.24
CA LEU B 55 5.87 -14.86 9.65
C LEU B 55 5.78 -14.57 8.14
N GLU B 56 4.89 -15.26 7.46
CA GLU B 56 4.53 -14.98 6.08
C GLU B 56 3.74 -13.66 6.02
N PHE B 57 3.84 -12.93 4.91
CA PHE B 57 3.33 -11.56 4.82
C PHE B 57 1.84 -11.40 5.14
N MET B 58 0.99 -12.34 4.70
CA MET B 58 -0.44 -12.26 5.00
C MET B 58 -0.71 -12.39 6.48
N HIS B 59 0.12 -13.15 7.18
CA HIS B 59 -0.04 -13.32 8.61
C HIS B 59 0.43 -12.07 9.36
N ILE B 60 1.48 -11.44 8.86
CA ILE B 60 1.91 -10.15 9.37
C ILE B 60 0.77 -9.14 9.21
N LEU B 61 0.18 -9.10 8.01
CA LEU B 61 -0.95 -8.17 7.72
C LEU B 61 -2.23 -8.47 8.52
N THR B 62 -2.45 -9.73 8.89
CA THR B 62 -3.58 -10.09 9.75
C THR B 62 -3.41 -9.55 11.18
N ARG B 63 -2.16 -9.48 11.65
CA ARG B 63 -1.88 -8.83 12.93
C ARG B 63 -2.04 -7.30 12.83
N VAL B 64 -1.65 -6.70 11.71
CA VAL B 64 -1.95 -5.28 11.47
C VAL B 64 -3.47 -5.06 11.57
N ASN B 65 -4.27 -5.91 10.90
CA ASN B 65 -5.73 -5.82 11.01
C ASN B 65 -6.21 -5.80 12.45
N ARG B 66 -5.70 -6.72 13.25
CA ARG B 66 -6.11 -6.85 14.64
C ARG B 66 -5.66 -5.66 15.48
N LYS B 67 -4.44 -5.18 15.26
CA LYS B 67 -3.90 -4.06 16.01
C LYS B 67 -4.73 -2.80 15.75
N VAL B 68 -5.01 -2.51 14.50
CA VAL B 68 -5.82 -1.33 14.14
C VAL B 68 -7.25 -1.46 14.68
N ALA B 69 -7.87 -2.62 14.47
CA ALA B 69 -9.24 -2.87 14.89
C ALA B 69 -9.46 -2.77 16.40
N THR B 70 -8.51 -3.28 17.17
CA THR B 70 -8.70 -3.48 18.60
C THR B 70 -8.11 -2.36 19.46
N GLU B 71 -7.02 -1.73 19.02
CA GLU B 71 -6.28 -0.81 19.88
C GLU B 71 -6.61 0.65 19.68
N PHE B 72 -7.18 1.00 18.53
CA PHE B 72 -7.34 2.41 18.14
C PHE B 72 -8.80 2.85 18.08
N GLU B 73 -9.04 4.09 18.54
CA GLU B 73 -10.35 4.70 18.45
C GLU B 73 -10.18 6.22 18.29
N SER B 74 -10.99 6.83 17.42
CA SER B 74 -10.87 8.28 17.18
C SER B 74 -11.34 9.10 18.38
N PHE B 75 -10.83 10.32 18.46
CA PHE B 75 -11.21 11.27 19.50
C PHE B 75 -11.44 12.63 18.84
N SER B 76 -12.61 13.21 19.06
CA SER B 76 -12.91 14.53 18.50
C SER B 76 -13.94 15.24 19.34
N PHE B 77 -13.85 16.56 19.36
CA PHE B 77 -14.85 17.39 20.02
C PHE B 77 -16.14 17.42 19.23
N ASP B 78 -16.05 17.12 17.94
CA ASP B 78 -17.20 16.94 17.06
C ASP B 78 -17.68 15.49 17.21
N ALA B 79 -18.88 15.31 17.80
CA ALA B 79 -19.42 13.98 18.10
C ALA B 79 -19.50 13.08 16.87
N THR B 80 -19.75 13.67 15.70
CA THR B 80 -19.80 12.95 14.43
C THR B 80 -18.56 12.13 14.15
N PHE B 81 -17.38 12.66 14.50
CA PHE B 81 -16.10 12.00 14.20
C PHE B 81 -15.41 11.38 15.42
N HIS B 82 -16.14 11.25 16.53
CA HIS B 82 -15.58 10.74 17.79
C HIS B 82 -15.94 9.27 18.02
N ALA B 83 -15.00 8.52 18.60
CA ALA B 83 -15.19 7.11 18.99
C ALA B 83 -15.40 6.20 17.77
N LYS B 84 -14.76 6.55 16.67
CA LYS B 84 -14.88 5.77 15.44
C LYS B 84 -13.75 4.76 15.31
N LYS B 85 -14.03 3.68 14.57
CA LYS B 85 -13.16 2.53 14.48
C LYS B 85 -12.78 2.28 13.02
N GLN B 86 -11.84 1.36 12.83
CA GLN B 86 -11.27 1.10 11.50
C GLN B 86 -10.80 -0.32 11.41
N ILE B 87 -11.10 -0.99 10.30
CA ILE B 87 -10.56 -2.31 10.01
C ILE B 87 -9.86 -2.23 8.66
N PRO B 88 -8.54 -2.49 8.64
CA PRO B 88 -7.85 -2.51 7.36
C PRO B 88 -8.30 -3.70 6.52
N CYS B 89 -7.98 -3.64 5.24
CA CYS B 89 -8.53 -4.54 4.26
C CYS B 89 -7.41 -5.06 3.36
N ILE B 90 -7.14 -6.36 3.43
CA ILE B 90 -6.10 -7.02 2.63
C ILE B 90 -6.73 -7.56 1.37
N VAL B 91 -6.26 -7.11 0.20
CA VAL B 91 -6.74 -7.63 -1.06
C VAL B 91 -5.58 -8.34 -1.76
N SER B 92 -5.61 -9.67 -1.75
CA SER B 92 -4.50 -10.45 -2.31
C SER B 92 -4.87 -11.20 -3.57
N MET B 93 -4.17 -10.85 -4.65
CA MET B 93 -4.17 -11.63 -5.88
C MET B 93 -2.78 -12.24 -6.09
N LEU B 94 -2.07 -12.45 -4.98
CA LEU B 94 -0.79 -13.16 -5.01
C LEU B 94 -0.99 -14.62 -5.32
N THR B 95 0.04 -15.26 -5.87
CA THR B 95 -0.03 -16.67 -6.19
C THR B 95 0.91 -17.54 -5.33
N LYS B 96 1.69 -16.91 -4.47
CA LYS B 96 2.59 -17.65 -3.61
C LYS B 96 2.72 -16.92 -2.28
N GLU B 97 3.35 -17.59 -1.33
CA GLU B 97 3.64 -17.02 -0.04
C GLU B 97 4.86 -16.09 -0.17
N LEU B 98 4.87 -15.05 0.64
CA LEU B 98 5.92 -14.03 0.63
C LEU B 98 6.56 -13.97 2.01
N TYR B 99 7.84 -14.31 2.05
CA TYR B 99 8.66 -14.27 3.25
C TYR B 99 9.79 -13.30 2.96
N PHE B 100 9.90 -12.25 3.76
CA PHE B 100 10.96 -11.26 3.58
C PHE B 100 12.33 -11.81 3.94
N TYR B 101 12.38 -12.73 4.92
CA TYR B 101 13.65 -13.35 5.32
C TYR B 101 14.20 -14.38 4.34
N HIS B 102 13.43 -14.68 3.29
CA HIS B 102 13.90 -15.51 2.17
C HIS B 102 14.88 -14.72 1.30
#